data_4I6N
#
_entry.id   4I6N
#
_cell.length_a   171.202
_cell.length_b   55.759
_cell.length_c   73.868
_cell.angle_alpha   90.00
_cell.angle_beta   113.42
_cell.angle_gamma   90.00
#
_symmetry.space_group_name_H-M   'C 1 2 1'
#
loop_
_entity.id
_entity.type
_entity.pdbx_description
1 polymer 'Ubiquitin carboxyl-hydrolase'
2 polymer Ubiquitin
3 non-polymer 2,3-DIHYDROXY-1,4-DITHIOBUTANE
4 non-polymer 'SODIUM ION'
5 non-polymer 'METHYL 4-AMINOBUTANOATE'
6 water water
#
loop_
_entity_poly.entity_id
_entity_poly.type
_entity_poly.pdbx_seq_one_letter_code
_entity_poly.pdbx_strand_id
1 'polypeptide(L)'
;GPLGS(MSE)AEGNWCLIESDPGIFTE(MSE)IHGFGCTGLQVEELVVLDESIEHLKPIHGFIFLFRWLKKE(MSE)RKE
VDDSPQTCTDVYFSQQVIQNACASQALINLLLNCDHPDVDLGPTLKEFKDFTYDLDSASRGLCLTNSEKIRAVHNSFGRQ
QLFEIDDQQKLDEEDVFHFVTYVPVNDGVYELDGLRAAPLRLGTVASDGDWTEVAIKAIKEKIKNYGESEVRFNL(MSE)
AVISDQK
;
A,C
2 'polypeptide(L)' (MSE)QIFVKTLTGKTITLEVEPSDTIENVKAKIQDKEGIPPDQQRLIFAGKQLEDGRTLSDYNIQKESTLHLVLRLRG B,D
#
loop_
_chem_comp.id
_chem_comp.type
_chem_comp.name
_chem_comp.formula
DTT non-polymer 2,3-DIHYDROXY-1,4-DITHIOBUTANE 'C4 H10 O2 S2'
GVE peptide-like 'METHYL 4-AMINOBUTANOATE' 'C5 H11 N O2'
NA non-polymer 'SODIUM ION' 'Na 1'
#
# COMPACT_ATOMS: atom_id res chain seq x y z
N PRO A 2 -3.65 8.14 1.64
CA PRO A 2 -3.02 9.45 1.88
C PRO A 2 -2.05 9.83 0.74
N LEU A 3 -1.38 8.83 0.18
CA LEU A 3 -0.45 9.08 -0.90
C LEU A 3 -1.17 9.57 -2.17
N GLY A 4 -2.42 9.14 -2.36
CA GLY A 4 -3.23 9.58 -3.49
C GLY A 4 -3.40 11.10 -3.58
N SER A 5 -3.26 11.78 -2.45
CA SER A 5 -3.34 13.24 -2.44
C SER A 5 -2.25 13.94 -3.28
N MSE A 6 -1.19 13.23 -3.66
CA MSE A 6 -0.08 13.85 -4.38
C MSE A 6 -0.08 13.36 -5.83
O MSE A 6 0.81 13.71 -6.61
CB MSE A 6 1.22 13.51 -3.73
CG MSE A 6 1.45 14.41 -2.52
SE MSE A 6 2.87 13.63 -1.44
CE MSE A 6 2.18 11.77 -0.98
N ALA A 7 -1.07 12.53 -6.13
CA ALA A 7 -1.21 11.94 -7.46
C ALA A 7 -1.71 13.01 -8.36
N GLU A 8 -1.08 13.14 -9.53
CA GLU A 8 -1.39 14.25 -10.42
C GLU A 8 -1.89 13.73 -11.78
N GLY A 9 -2.86 14.45 -12.34
CA GLY A 9 -3.59 14.04 -13.53
C GLY A 9 -4.63 12.93 -13.38
N ASN A 10 -5.56 12.86 -14.31
CA ASN A 10 -6.49 11.74 -14.30
C ASN A 10 -6.00 10.65 -15.22
N TRP A 11 -6.37 9.40 -14.91
CA TRP A 11 -6.08 8.25 -15.74
C TRP A 11 -7.40 7.71 -16.28
N CYS A 12 -7.43 7.40 -17.58
CA CYS A 12 -8.60 6.78 -18.22
C CYS A 12 -8.66 5.28 -17.91
N LEU A 13 -9.85 4.68 -18.12
CA LEU A 13 -9.96 3.23 -18.08
C LEU A 13 -9.44 2.69 -19.39
N ILE A 14 -9.02 1.43 -19.40
CA ILE A 14 -8.47 0.81 -20.59
C ILE A 14 -9.26 -0.43 -20.92
N GLU A 15 -9.68 -0.55 -22.18
CA GLU A 15 -10.38 -1.73 -22.63
C GLU A 15 -9.44 -2.97 -22.64
N SER A 16 -9.97 -4.11 -22.21
CA SER A 16 -9.26 -5.40 -22.19
C SER A 16 -9.12 -5.95 -23.63
N ASP A 17 -8.26 -5.32 -24.44
CA ASP A 17 -8.00 -5.69 -25.84
C ASP A 17 -6.51 -5.97 -26.06
N PRO A 18 -6.17 -7.14 -26.64
CA PRO A 18 -4.74 -7.49 -26.70
C PRO A 18 -3.96 -6.55 -27.63
N GLY A 19 -4.60 -6.02 -28.67
CA GLY A 19 -3.95 -5.07 -29.56
C GLY A 19 -3.55 -3.84 -28.78
N ILE A 20 -4.42 -3.38 -27.88
CA ILE A 20 -4.13 -2.18 -27.10
C ILE A 20 -2.95 -2.43 -26.14
N PHE A 21 -2.97 -3.58 -25.44
CA PHE A 21 -1.87 -3.86 -24.49
C PHE A 21 -0.55 -4.04 -25.26
N THR A 22 -0.62 -4.57 -26.47
CA THR A 22 0.59 -4.60 -27.28
C THR A 22 1.13 -3.22 -27.60
N GLU A 23 0.25 -2.31 -28.00
CA GLU A 23 0.70 -0.98 -28.31
C GLU A 23 1.12 -0.26 -27.07
N MSE A 24 0.54 -0.57 -25.90
CA MSE A 24 1.02 0.10 -24.68
C MSE A 24 2.47 -0.33 -24.38
O MSE A 24 3.30 0.48 -24.04
CB MSE A 24 0.12 -0.17 -23.48
CG MSE A 24 -1.27 0.45 -23.64
SE MSE A 24 -2.44 -0.21 -22.18
CE MSE A 24 -1.32 0.46 -20.73
N ILE A 25 2.78 -1.61 -24.52
CA ILE A 25 4.13 -2.07 -24.24
C ILE A 25 5.10 -1.30 -25.13
N HIS A 26 4.77 -1.21 -26.41
CA HIS A 26 5.64 -0.45 -27.33
C HIS A 26 5.70 1.03 -26.98
N GLY A 27 4.58 1.60 -26.53
CA GLY A 27 4.54 3.02 -26.23
C GLY A 27 5.44 3.30 -25.04
N PHE A 28 5.59 2.33 -24.14
CA PHE A 28 6.46 2.53 -22.98
C PHE A 28 7.95 2.38 -23.37
N GLY A 29 8.21 1.91 -24.58
CA GLY A 29 9.57 1.84 -25.09
C GLY A 29 10.12 0.42 -25.12
N CYS A 30 9.28 -0.55 -24.74
CA CYS A 30 9.81 -1.89 -24.57
C CYS A 30 9.63 -2.64 -25.91
N THR A 31 10.60 -3.47 -26.28
CA THR A 31 10.42 -4.21 -27.55
C THR A 31 10.62 -5.70 -27.27
N GLY A 32 10.19 -6.52 -28.20
CA GLY A 32 10.39 -7.95 -28.12
C GLY A 32 9.15 -8.75 -27.70
N LEU A 33 8.07 -8.04 -27.34
CA LEU A 33 6.89 -8.72 -26.78
C LEU A 33 5.62 -8.35 -27.53
N GLN A 34 4.62 -9.20 -27.42
CA GLN A 34 3.29 -8.87 -27.87
C GLN A 34 2.30 -9.54 -26.95
N VAL A 35 1.03 -9.19 -27.12
CA VAL A 35 -0.01 -9.69 -26.24
C VAL A 35 -1.02 -10.46 -27.08
N GLU A 36 -1.33 -11.67 -26.62
CA GLU A 36 -2.28 -12.55 -27.32
C GLU A 36 -3.42 -12.92 -26.35
N GLU A 37 -4.66 -12.81 -26.82
CA GLU A 37 -5.79 -13.15 -25.95
C GLU A 37 -6.02 -14.67 -25.85
N LEU A 38 -6.36 -15.15 -24.64
CA LEU A 38 -6.81 -16.55 -24.51
C LEU A 38 -8.30 -16.54 -24.68
N VAL A 39 -8.81 -17.36 -25.61
CA VAL A 39 -10.22 -17.27 -25.87
C VAL A 39 -10.96 -18.17 -24.90
N VAL A 40 -10.30 -19.24 -24.50
CA VAL A 40 -10.90 -20.15 -23.51
C VAL A 40 -9.79 -20.34 -22.49
N LEU A 41 -10.17 -20.50 -21.21
CA LEU A 41 -9.19 -20.48 -20.11
C LEU A 41 -8.15 -21.63 -20.26
N ASP A 42 -8.58 -22.84 -20.58
CA ASP A 42 -7.62 -23.91 -20.75
C ASP A 42 -7.41 -24.27 -22.19
N GLU A 43 -7.40 -23.28 -23.06
CA GLU A 43 -7.10 -23.64 -24.43
C GLU A 43 -5.61 -23.97 -24.56
N SER A 44 -5.29 -24.63 -25.66
CA SER A 44 -3.95 -25.09 -25.90
C SER A 44 -3.08 -23.89 -26.11
N ILE A 45 -1.97 -23.80 -25.34
CA ILE A 45 -1.11 -22.62 -25.46
C ILE A 45 0.35 -22.95 -25.69
N GLU A 46 0.64 -24.17 -26.11
CA GLU A 46 2.03 -24.51 -26.43
C GLU A 46 2.64 -23.60 -27.52
N HIS A 47 1.85 -23.18 -28.50
CA HIS A 47 2.37 -22.32 -29.57
C HIS A 47 2.65 -20.89 -29.06
N LEU A 48 2.15 -20.55 -27.87
CA LEU A 48 2.38 -19.19 -27.31
C LEU A 48 3.72 -19.06 -26.58
N LYS A 49 4.28 -20.20 -26.21
CA LYS A 49 5.40 -20.22 -25.25
C LYS A 49 6.69 -19.77 -25.91
N PRO A 50 7.57 -19.11 -25.16
CA PRO A 50 7.49 -18.92 -23.70
C PRO A 50 6.47 -17.82 -23.37
N ILE A 51 5.63 -18.07 -22.37
CA ILE A 51 4.72 -17.02 -21.95
C ILE A 51 5.43 -16.31 -20.81
N HIS A 52 5.50 -15.00 -20.93
CA HIS A 52 6.21 -14.18 -19.93
C HIS A 52 5.33 -13.76 -18.77
N GLY A 53 4.03 -13.74 -18.98
CA GLY A 53 3.11 -13.41 -17.90
C GLY A 53 1.68 -13.39 -18.40
N PHE A 54 0.71 -13.41 -17.49
CA PHE A 54 -0.68 -13.23 -17.91
C PHE A 54 -1.18 -11.91 -17.35
N ILE A 55 -2.21 -11.36 -17.99
CA ILE A 55 -2.97 -10.22 -17.49
C ILE A 55 -4.44 -10.67 -17.46
N PHE A 56 -5.04 -10.58 -16.28
CA PHE A 56 -6.37 -11.14 -16.05
C PHE A 56 -7.25 -10.01 -15.60
N LEU A 57 -8.41 -9.89 -16.21
CA LEU A 57 -9.42 -8.90 -15.78
C LEU A 57 -10.69 -9.57 -15.24
N PHE A 58 -11.22 -9.01 -14.15
CA PHE A 58 -12.40 -9.58 -13.47
C PHE A 58 -13.09 -8.46 -12.73
N ARG A 59 -14.35 -8.68 -12.38
CA ARG A 59 -15.11 -7.71 -11.61
C ARG A 59 -14.73 -7.86 -10.16
N TRP A 60 -14.20 -6.78 -9.58
CA TRP A 60 -13.61 -6.88 -8.25
C TRP A 60 -14.69 -7.04 -7.17
N LEU A 61 -14.52 -8.03 -6.30
CA LEU A 61 -15.50 -8.31 -5.25
C LEU A 61 -14.85 -7.94 -3.92
N LYS A 62 -15.65 -7.50 -2.96
CA LYS A 62 -15.11 -7.07 -1.66
C LYS A 62 -14.47 -8.26 -0.94
N LYS A 63 -14.88 -9.48 -1.28
CA LYS A 63 -14.35 -10.65 -0.60
C LYS A 63 -12.85 -10.85 -0.92
N GLU A 64 -12.34 -10.13 -1.95
CA GLU A 64 -10.93 -10.11 -2.29
C GLU A 64 -10.14 -9.65 -1.08
N MSE A 65 -10.77 -8.81 -0.22
CA MSE A 65 -10.07 -8.22 0.95
C MSE A 65 -9.70 -9.32 1.93
O MSE A 65 -8.78 -9.15 2.72
CB MSE A 65 -10.96 -7.24 1.75
CG MSE A 65 -11.26 -5.82 1.19
SE MSE A 65 -9.76 -5.08 0.22
CE MSE A 65 -8.74 -4.50 1.76
N ARG A 66 -10.44 -10.40 1.92
CA ARG A 66 -10.26 -11.43 2.94
C ARG A 66 -9.31 -12.53 2.46
N LYS A 67 -8.73 -12.34 1.28
CA LYS A 67 -7.81 -13.33 0.73
C LYS A 67 -6.62 -13.57 1.68
N GLU A 68 -6.33 -14.82 2.01
CA GLU A 68 -5.14 -15.08 2.80
C GLU A 68 -3.91 -15.01 1.90
N VAL A 69 -2.90 -14.27 2.34
CA VAL A 69 -1.68 -14.12 1.51
C VAL A 69 -0.48 -14.80 2.19
N ASP A 70 0.66 -14.83 1.49
CA ASP A 70 1.79 -15.70 1.92
C ASP A 70 2.61 -14.86 2.88
N ASP A 71 3.42 -15.51 3.72
CA ASP A 71 4.49 -14.73 4.40
C ASP A 71 5.87 -15.31 4.00
N SER A 72 5.99 -15.69 2.71
CA SER A 72 7.24 -16.24 2.18
CA SER A 72 7.24 -16.24 2.18
C SER A 72 8.35 -15.19 2.04
N PRO A 73 9.59 -15.59 2.33
CA PRO A 73 10.69 -14.63 2.20
C PRO A 73 10.96 -14.21 0.77
N GLN A 74 10.62 -15.08 -0.19
CA GLN A 74 10.93 -14.76 -1.60
C GLN A 74 10.18 -13.56 -2.13
N THR A 75 8.97 -13.35 -1.63
CA THR A 75 8.17 -12.17 -2.01
C THR A 75 8.93 -10.85 -1.74
N CYS A 76 9.71 -10.83 -0.67
CA CYS A 76 10.47 -9.65 -0.29
C CYS A 76 11.75 -9.57 -1.13
N THR A 77 12.39 -10.72 -1.35
CA THR A 77 13.78 -10.67 -1.85
C THR A 77 13.83 -10.64 -3.40
N ASP A 78 12.79 -11.18 -4.05
CA ASP A 78 12.86 -11.55 -5.47
C ASP A 78 12.01 -10.72 -6.45
N VAL A 79 10.97 -10.05 -5.94
CA VAL A 79 9.93 -9.58 -6.85
C VAL A 79 9.84 -8.07 -6.84
N TYR A 80 9.80 -7.50 -8.03
CA TYR A 80 9.46 -6.09 -8.18
C TYR A 80 7.95 -5.85 -8.07
N PHE A 81 7.54 -4.87 -7.28
CA PHE A 81 6.11 -4.62 -7.12
C PHE A 81 5.78 -3.16 -6.85
N SER A 82 4.90 -2.57 -7.66
CA SER A 82 4.38 -1.23 -7.34
C SER A 82 2.90 -1.31 -7.01
N GLN A 83 2.54 -0.73 -5.86
CA GLN A 83 1.14 -0.66 -5.39
C GLN A 83 0.45 0.52 -6.00
N GLN A 84 -0.82 0.36 -6.40
CA GLN A 84 -1.53 1.48 -6.96
C GLN A 84 -1.78 2.55 -5.88
N VAL A 85 -1.72 3.82 -6.29
CA VAL A 85 -2.17 4.89 -5.42
C VAL A 85 -3.49 5.45 -5.93
N ILE A 86 -3.79 5.27 -7.21
CA ILE A 86 -5.07 5.72 -7.70
C ILE A 86 -5.72 4.53 -8.39
N GLN A 87 -7.03 4.57 -8.55
CA GLN A 87 -7.70 3.36 -8.99
C GLN A 87 -7.49 3.18 -10.51
N ASN A 88 -7.66 4.23 -11.31
CA ASN A 88 -7.75 4.03 -12.76
C ASN A 88 -6.43 3.71 -13.46
N ALA A 89 -5.35 3.70 -12.71
CA ALA A 89 -4.07 3.29 -13.31
C ALA A 89 -3.86 1.78 -13.45
N CYS A 90 -4.86 0.97 -13.07
CA CYS A 90 -4.60 -0.44 -12.91
C CYS A 90 -4.06 -1.11 -14.20
N ALA A 91 -4.50 -0.70 -15.39
CA ALA A 91 -4.01 -1.40 -16.57
C ALA A 91 -2.50 -1.21 -16.77
N SER A 92 -2.03 0.02 -16.60
CA SER A 92 -0.61 0.31 -16.74
C SER A 92 0.16 -0.25 -15.56
N GLN A 93 -0.45 -0.21 -14.41
CA GLN A 93 0.28 -0.72 -13.21
C GLN A 93 0.50 -2.24 -13.33
N ALA A 94 -0.53 -2.95 -13.79
CA ALA A 94 -0.46 -4.41 -13.99
C ALA A 94 0.62 -4.67 -15.00
N LEU A 95 0.57 -3.94 -16.14
CA LEU A 95 1.54 -4.20 -17.21
C LEU A 95 2.98 -3.89 -16.79
N ILE A 96 3.20 -2.78 -16.09
CA ILE A 96 4.56 -2.46 -15.68
C ILE A 96 5.06 -3.43 -14.56
N ASN A 97 4.18 -3.84 -13.65
CA ASN A 97 4.54 -4.90 -12.69
C ASN A 97 4.98 -6.17 -13.37
N LEU A 98 4.36 -6.49 -14.53
CA LEU A 98 4.72 -7.68 -15.28
C LEU A 98 6.12 -7.44 -15.88
N LEU A 99 6.25 -6.36 -16.67
CA LEU A 99 7.47 -6.14 -17.45
C LEU A 99 8.67 -5.97 -16.55
N LEU A 100 8.50 -5.34 -15.38
CA LEU A 100 9.68 -5.07 -14.57
C LEU A 100 10.17 -6.31 -13.83
N ASN A 101 9.44 -7.41 -14.01
CA ASN A 101 9.89 -8.72 -13.53
C ASN A 101 10.43 -9.64 -14.62
N CYS A 102 10.59 -9.11 -15.84
CA CYS A 102 11.17 -9.93 -16.94
C CYS A 102 12.67 -9.89 -16.86
N ASP A 103 13.29 -11.03 -17.12
CA ASP A 103 14.69 -11.05 -17.44
C ASP A 103 14.71 -12.18 -18.44
N HIS A 104 14.81 -11.85 -19.73
CA HIS A 104 14.63 -12.89 -20.72
C HIS A 104 15.28 -12.38 -21.99
N PRO A 105 15.94 -13.25 -22.75
CA PRO A 105 16.68 -12.65 -23.88
C PRO A 105 15.80 -11.97 -24.95
N ASP A 106 14.49 -12.22 -24.96
CA ASP A 106 13.62 -11.65 -25.99
C ASP A 106 13.09 -10.28 -25.57
N VAL A 107 13.23 -9.99 -24.28
CA VAL A 107 12.75 -8.72 -23.73
C VAL A 107 13.81 -7.62 -23.65
N ASP A 108 13.49 -6.44 -24.21
CA ASP A 108 14.30 -5.23 -23.96
C ASP A 108 13.40 -4.14 -23.44
N LEU A 109 13.58 -3.74 -22.17
CA LEU A 109 12.65 -2.83 -21.55
C LEU A 109 12.71 -1.46 -22.24
N GLY A 110 13.87 -1.10 -22.78
CA GLY A 110 14.08 0.25 -23.32
C GLY A 110 14.46 1.21 -22.19
N PRO A 111 15.01 2.38 -22.54
CA PRO A 111 15.64 3.24 -21.54
C PRO A 111 14.64 3.83 -20.56
N THR A 112 13.39 4.07 -20.99
CA THR A 112 12.42 4.65 -20.05
C THR A 112 12.09 3.70 -18.92
N LEU A 113 11.69 2.48 -19.23
CA LEU A 113 11.32 1.54 -18.15
C LEU A 113 12.55 1.07 -17.41
N LYS A 114 13.67 0.95 -18.11
CA LYS A 114 14.95 0.55 -17.43
C LYS A 114 15.33 1.52 -16.36
N GLU A 115 15.34 2.79 -16.71
CA GLU A 115 15.71 3.79 -15.71
C GLU A 115 14.66 3.95 -14.62
N PHE A 116 13.42 3.73 -14.98
CA PHE A 116 12.33 3.76 -14.00
C PHE A 116 12.52 2.64 -12.99
N LYS A 117 12.83 1.45 -13.50
CA LYS A 117 13.08 0.31 -12.61
C LYS A 117 14.28 0.59 -11.73
N ASP A 118 15.34 1.15 -12.32
CA ASP A 118 16.56 1.41 -11.57
C ASP A 118 16.29 2.43 -10.49
N PHE A 119 15.45 3.43 -10.80
CA PHE A 119 15.15 4.47 -9.80
C PHE A 119 14.29 3.89 -8.67
N THR A 120 13.30 3.02 -9.01
CA THR A 120 12.28 2.62 -8.03
C THR A 120 12.51 1.26 -7.36
N TYR A 121 13.57 0.60 -7.73
CA TYR A 121 13.80 -0.78 -7.36
C TYR A 121 14.03 -0.95 -5.86
N ASP A 122 14.61 0.07 -5.27
CA ASP A 122 14.93 0.06 -3.82
C ASP A 122 13.98 0.95 -3.00
N LEU A 123 12.93 1.43 -3.64
CA LEU A 123 11.88 2.19 -2.92
C LEU A 123 10.80 1.27 -2.41
N ASP A 124 10.00 1.75 -1.45
CA ASP A 124 8.91 0.96 -0.89
C ASP A 124 7.87 0.85 -2.00
N SER A 125 7.12 -0.25 -2.05
CA SER A 125 6.13 -0.45 -3.14
C SER A 125 5.11 0.67 -3.32
N ALA A 126 4.70 1.31 -2.23
CA ALA A 126 3.72 2.41 -2.31
C ALA A 126 4.36 3.63 -2.96
N SER A 127 5.63 3.90 -2.63
CA SER A 127 6.32 5.01 -3.30
C SER A 127 6.56 4.70 -4.77
N ARG A 128 6.90 3.46 -5.09
CA ARG A 128 7.07 3.01 -6.50
C ARG A 128 5.77 3.35 -7.24
N GLY A 129 4.63 3.07 -6.62
CA GLY A 129 3.35 3.37 -7.24
C GLY A 129 3.10 4.84 -7.47
N LEU A 130 3.50 5.71 -6.53
CA LEU A 130 3.21 7.12 -6.68
C LEU A 130 4.10 7.64 -7.81
N CYS A 131 5.33 7.13 -7.88
CA CYS A 131 6.25 7.52 -8.95
C CYS A 131 5.70 7.15 -10.32
N LEU A 132 5.14 5.94 -10.41
CA LEU A 132 4.47 5.51 -11.66
C LEU A 132 3.31 6.49 -11.99
N THR A 133 2.44 6.74 -11.00
CA THR A 133 1.24 7.55 -11.21
C THR A 133 1.57 8.96 -11.66
N ASN A 134 2.68 9.51 -11.17
CA ASN A 134 3.06 10.85 -11.53
C ASN A 134 4.03 10.95 -12.72
N SER A 135 4.30 9.85 -13.38
CA SER A 135 5.14 9.88 -14.58
CA SER A 135 5.15 9.94 -14.56
C SER A 135 4.34 10.37 -15.79
N GLU A 136 4.70 11.52 -16.33
CA GLU A 136 3.96 12.08 -17.46
C GLU A 136 4.11 11.26 -18.71
N LYS A 137 5.28 10.64 -18.90
CA LYS A 137 5.46 9.73 -20.04
C LYS A 137 4.53 8.51 -19.99
N ILE A 138 4.46 7.87 -18.84
CA ILE A 138 3.64 6.69 -18.71
CA ILE A 138 3.64 6.68 -18.70
C ILE A 138 2.15 7.02 -18.80
N ARG A 139 1.76 8.09 -18.11
CA ARG A 139 0.36 8.53 -18.11
C ARG A 139 -0.09 8.89 -19.53
N ALA A 140 0.77 9.61 -20.27
CA ALA A 140 0.48 9.95 -21.65
C ALA A 140 0.22 8.75 -22.51
N VAL A 141 1.08 7.73 -22.40
CA VAL A 141 0.86 6.55 -23.22
C VAL A 141 -0.45 5.86 -22.84
N HIS A 142 -0.62 5.58 -21.54
CA HIS A 142 -1.88 5.05 -20.99
C HIS A 142 -3.13 5.77 -21.56
N ASN A 143 -3.21 7.09 -21.35
CA ASN A 143 -4.43 7.83 -21.71
C ASN A 143 -4.69 7.84 -23.20
N SER A 144 -3.62 7.79 -23.99
CA SER A 144 -3.79 7.77 -25.46
C SER A 144 -4.60 6.57 -25.95
N PHE A 145 -4.75 5.55 -25.10
CA PHE A 145 -5.59 4.38 -25.45
C PHE A 145 -6.96 4.35 -24.74
N GLY A 146 -7.30 5.39 -23.95
CA GLY A 146 -8.57 5.43 -23.25
C GLY A 146 -9.64 6.28 -23.90
N GLN A 157 -17.61 4.47 -10.60
CA GLN A 157 -16.57 3.46 -10.39
C GLN A 157 -16.21 3.29 -8.92
N LYS A 158 -17.11 2.71 -8.13
CA LYS A 158 -16.80 2.50 -6.70
C LYS A 158 -16.58 1.02 -6.36
N LEU A 159 -15.41 0.69 -5.83
CA LEU A 159 -15.08 -0.69 -5.51
C LEU A 159 -16.13 -1.26 -4.61
N ASP A 160 -16.61 -0.40 -3.71
CA ASP A 160 -17.64 -0.70 -2.73
C ASP A 160 -18.91 -1.26 -3.36
N GLU A 161 -19.21 -0.86 -4.60
CA GLU A 161 -20.40 -1.31 -5.29
C GLU A 161 -20.11 -2.51 -6.20
N GLU A 162 -18.85 -2.94 -6.23
CA GLU A 162 -18.50 -4.18 -6.98
C GLU A 162 -18.89 -4.13 -8.46
N ASP A 163 -18.64 -2.98 -9.07
CA ASP A 163 -18.91 -2.82 -10.51
C ASP A 163 -17.68 -2.34 -11.28
N VAL A 164 -16.51 -2.41 -10.62
CA VAL A 164 -15.23 -2.04 -11.23
C VAL A 164 -14.50 -3.25 -11.75
N PHE A 165 -14.03 -3.19 -12.99
CA PHE A 165 -13.24 -4.28 -13.57
C PHE A 165 -11.78 -3.99 -13.33
N HIS A 166 -11.06 -4.98 -12.84
CA HIS A 166 -9.70 -4.79 -12.35
C HIS A 166 -8.73 -5.59 -13.20
N PHE A 167 -7.54 -5.06 -13.46
CA PHE A 167 -6.46 -5.83 -14.14
C PHE A 167 -5.40 -6.23 -13.16
N VAL A 168 -5.06 -7.53 -13.15
CA VAL A 168 -3.92 -8.02 -12.38
C VAL A 168 -3.00 -8.85 -13.27
N THR A 169 -1.82 -9.13 -12.75
CA THR A 169 -0.73 -9.74 -13.49
C THR A 169 -0.26 -11.03 -12.83
N TYR A 170 0.10 -12.03 -13.64
CA TYR A 170 0.66 -13.29 -13.10
C TYR A 170 2.01 -13.44 -13.73
N VAL A 171 3.04 -13.70 -12.92
CA VAL A 171 4.38 -13.79 -13.45
CA VAL A 171 4.40 -13.81 -13.45
C VAL A 171 5.19 -14.78 -12.62
N PRO A 172 6.06 -15.59 -13.28
CA PRO A 172 7.03 -16.46 -12.62
C PRO A 172 8.29 -15.67 -12.27
N VAL A 173 8.83 -15.87 -11.07
CA VAL A 173 10.13 -15.30 -10.73
C VAL A 173 10.87 -16.38 -9.94
N ASN A 174 12.03 -16.76 -10.44
CA ASN A 174 12.74 -17.91 -9.85
C ASN A 174 11.88 -19.17 -9.81
N ASP A 175 11.74 -19.77 -8.63
CA ASP A 175 10.92 -20.99 -8.53
C ASP A 175 9.50 -20.69 -8.10
N GLY A 176 9.09 -19.40 -8.05
CA GLY A 176 7.77 -19.09 -7.57
C GLY A 176 6.89 -18.48 -8.63
N VAL A 177 5.57 -18.46 -8.42
CA VAL A 177 4.68 -17.78 -9.36
C VAL A 177 3.88 -16.82 -8.51
N TYR A 178 3.74 -15.61 -9.01
CA TYR A 178 3.18 -14.49 -8.25
C TYR A 178 2.01 -13.83 -8.92
N GLU A 179 1.00 -13.53 -8.11
CA GLU A 179 -0.11 -12.68 -8.54
C GLU A 179 0.21 -11.25 -8.13
N LEU A 180 0.34 -10.35 -9.11
CA LEU A 180 0.68 -8.95 -8.79
C LEU A 180 -0.58 -8.14 -8.94
N ASP A 181 -1.25 -7.93 -7.80
CA ASP A 181 -2.52 -7.21 -7.79
C ASP A 181 -2.21 -5.86 -7.18
N GLY A 182 -2.34 -4.78 -7.94
CA GLY A 182 -1.84 -3.48 -7.40
C GLY A 182 -2.67 -2.85 -6.30
N LEU A 183 -3.80 -3.45 -5.91
CA LEU A 183 -4.53 -2.94 -4.74
C LEU A 183 -3.80 -3.38 -3.49
N ARG A 184 -3.09 -4.51 -3.56
CA ARG A 184 -2.35 -5.01 -2.36
C ARG A 184 -1.08 -4.29 -2.03
N ALA A 185 -0.59 -4.51 -0.81
CA ALA A 185 0.65 -3.90 -0.39
C ALA A 185 1.84 -4.73 -0.87
N ALA A 186 1.59 -5.96 -1.30
CA ALA A 186 2.71 -6.83 -1.67
C ALA A 186 2.20 -7.85 -2.72
N PRO A 187 3.17 -8.51 -3.39
CA PRO A 187 2.77 -9.60 -4.31
C PRO A 187 2.22 -10.75 -3.52
N LEU A 188 1.41 -11.57 -4.19
CA LEU A 188 0.97 -12.79 -3.56
C LEU A 188 1.73 -13.94 -4.19
N ARG A 189 2.51 -14.67 -3.40
CA ARG A 189 3.17 -15.86 -3.92
CA ARG A 189 3.17 -15.86 -3.92
C ARG A 189 2.18 -17.01 -3.93
N LEU A 190 1.91 -17.56 -5.10
CA LEU A 190 0.87 -18.57 -5.23
C LEU A 190 1.38 -19.97 -4.92
N GLY A 191 2.65 -20.21 -5.19
CA GLY A 191 3.22 -21.52 -4.92
C GLY A 191 4.55 -21.65 -5.63
N THR A 192 5.17 -22.81 -5.50
CA THR A 192 6.51 -23.06 -6.02
C THR A 192 6.31 -23.89 -7.26
N VAL A 193 7.02 -23.57 -8.34
CA VAL A 193 6.89 -24.45 -9.53
C VAL A 193 8.04 -25.51 -9.60
N ALA A 194 7.83 -26.60 -10.32
CA ALA A 194 8.95 -27.22 -11.08
C ALA A 194 9.78 -27.97 -10.07
N SER A 195 11.02 -28.44 -10.31
CA SER A 195 12.05 -28.09 -11.31
C SER A 195 11.70 -28.43 -12.77
N ASP A 196 10.81 -29.38 -13.00
CA ASP A 196 10.42 -29.64 -14.35
C ASP A 196 8.95 -29.32 -14.60
N GLY A 197 8.36 -28.46 -13.77
CA GLY A 197 6.96 -28.09 -13.90
C GLY A 197 6.70 -26.93 -14.85
N ASP A 198 5.42 -26.65 -15.08
CA ASP A 198 5.00 -25.59 -16.00
C ASP A 198 4.45 -24.44 -15.17
N TRP A 199 5.15 -23.29 -15.10
CA TRP A 199 4.65 -22.22 -14.25
C TRP A 199 3.21 -21.79 -14.58
N THR A 200 2.81 -21.92 -15.85
CA THR A 200 1.48 -21.41 -16.22
C THR A 200 0.36 -22.15 -15.52
N GLU A 201 0.61 -23.42 -15.18
CA GLU A 201 -0.42 -24.18 -14.47
C GLU A 201 -0.74 -23.57 -13.12
N VAL A 202 0.26 -22.99 -12.43
CA VAL A 202 0.01 -22.41 -11.14
C VAL A 202 -0.86 -21.16 -11.29
N ALA A 203 -0.57 -20.36 -12.30
CA ALA A 203 -1.36 -19.14 -12.54
C ALA A 203 -2.80 -19.50 -12.95
N ILE A 204 -2.93 -20.46 -13.85
CA ILE A 204 -4.27 -20.86 -14.32
C ILE A 204 -5.08 -21.42 -13.16
N LYS A 205 -4.46 -22.21 -12.29
CA LYS A 205 -5.16 -22.62 -11.07
C LYS A 205 -5.70 -21.45 -10.23
N ALA A 206 -4.87 -20.44 -10.01
CA ALA A 206 -5.27 -19.28 -9.21
C ALA A 206 -6.40 -18.54 -9.86
N ILE A 207 -6.35 -18.42 -11.19
CA ILE A 207 -7.39 -17.73 -11.93
C ILE A 207 -8.71 -18.51 -11.80
N LYS A 208 -8.66 -19.84 -11.90
CA LYS A 208 -9.87 -20.65 -11.65
C LYS A 208 -10.42 -20.54 -10.25
N GLU A 209 -9.54 -20.53 -9.25
CA GLU A 209 -9.96 -20.25 -7.89
C GLU A 209 -10.67 -18.91 -7.77
N LYS A 210 -10.16 -17.86 -8.43
CA LYS A 210 -10.81 -16.55 -8.31
C LYS A 210 -12.21 -16.65 -8.93
N ILE A 211 -12.30 -17.36 -10.05
CA ILE A 211 -13.58 -17.47 -10.80
C ILE A 211 -14.66 -18.17 -9.91
N LYS A 212 -14.23 -19.01 -8.96
CA LYS A 212 -15.18 -19.68 -8.08
C LYS A 212 -15.77 -18.73 -7.06
N ASN A 213 -15.19 -17.54 -6.92
CA ASN A 213 -15.79 -16.50 -6.07
C ASN A 213 -17.16 -16.07 -6.61
N TYR A 214 -17.45 -16.38 -7.85
CA TYR A 214 -18.68 -15.90 -8.50
C TYR A 214 -19.65 -17.05 -8.71
N GLY A 215 -20.88 -16.70 -9.07
CA GLY A 215 -21.82 -17.67 -9.62
C GLY A 215 -21.43 -18.10 -11.04
N GLU A 216 -21.91 -19.28 -11.43
CA GLU A 216 -21.66 -19.85 -12.77
C GLU A 216 -22.23 -18.97 -13.89
N SER A 217 -23.01 -17.96 -13.51
CA SER A 217 -23.52 -17.00 -14.48
C SER A 217 -22.77 -15.66 -14.44
N GLU A 218 -21.49 -15.68 -14.05
CA GLU A 218 -20.67 -14.51 -14.32
C GLU A 218 -19.81 -14.86 -15.49
N VAL A 219 -19.86 -14.01 -16.52
CA VAL A 219 -19.05 -14.25 -17.67
C VAL A 219 -18.09 -13.10 -18.00
N ARG A 220 -18.09 -12.06 -17.18
CA ARG A 220 -17.31 -10.86 -17.52
C ARG A 220 -15.87 -10.98 -17.05
N PHE A 221 -15.07 -11.71 -17.81
CA PHE A 221 -13.63 -11.91 -17.57
C PHE A 221 -12.87 -11.73 -18.89
N ASN A 222 -11.58 -11.42 -18.81
CA ASN A 222 -10.70 -11.41 -19.99
C ASN A 222 -9.34 -11.93 -19.57
N LEU A 223 -8.71 -12.76 -20.40
CA LEU A 223 -7.38 -13.26 -20.06
C LEU A 223 -6.49 -13.01 -21.24
N MSE A 224 -5.30 -12.48 -21.01
CA MSE A 224 -4.31 -12.25 -22.08
C MSE A 224 -2.96 -12.80 -21.65
O MSE A 224 -2.64 -12.81 -20.45
CB MSE A 224 -4.18 -10.77 -22.43
CG MSE A 224 -5.46 -10.19 -23.03
SE MSE A 224 -5.39 -8.20 -23.11
CE MSE A 224 -5.17 -7.74 -21.20
N ALA A 225 -2.17 -13.25 -22.64
CA ALA A 225 -0.78 -13.71 -22.41
C ALA A 225 0.22 -12.72 -23.02
N VAL A 226 1.30 -12.38 -22.30
CA VAL A 226 2.32 -11.53 -22.85
C VAL A 226 3.39 -12.50 -23.31
N ILE A 227 3.70 -12.46 -24.61
CA ILE A 227 4.55 -13.49 -25.21
C ILE A 227 5.62 -12.84 -26.06
N SER A 228 6.56 -13.64 -26.54
CA SER A 228 7.61 -13.09 -27.35
C SER A 228 7.02 -12.72 -28.72
N ASP A 229 7.48 -11.61 -29.28
CA ASP A 229 6.78 -11.20 -30.51
C ASP A 229 6.97 -12.25 -31.64
N GLN A 230 6.00 -12.37 -32.53
CA GLN A 230 6.05 -13.37 -33.60
C GLN A 230 5.82 -12.76 -34.98
N MSE B 1 -32.86 -21.29 -36.46
CA MSE B 1 -31.85 -22.30 -36.22
C MSE B 1 -31.12 -22.03 -34.92
O MSE B 1 -31.05 -20.86 -34.41
CB MSE B 1 -30.86 -22.39 -37.38
CG MSE B 1 -29.82 -21.30 -37.45
SE MSE B 1 -29.03 -21.38 -39.10
CE MSE B 1 -27.80 -20.11 -38.84
N GLN B 2 -30.52 -23.06 -34.36
CA GLN B 2 -29.73 -22.85 -33.12
C GLN B 2 -28.24 -22.62 -33.41
N ILE B 3 -27.62 -21.70 -32.67
CA ILE B 3 -26.16 -21.61 -32.64
C ILE B 3 -25.70 -21.57 -31.21
N PHE B 4 -24.45 -21.94 -30.99
CA PHE B 4 -23.93 -22.00 -29.65
C PHE B 4 -22.81 -20.99 -29.52
N VAL B 5 -22.84 -20.20 -28.44
CA VAL B 5 -21.76 -19.25 -28.22
C VAL B 5 -21.06 -19.62 -26.91
N LYS B 6 -19.80 -19.97 -27.02
CA LYS B 6 -19.00 -20.33 -25.85
C LYS B 6 -18.21 -19.20 -25.28
N THR B 7 -17.80 -19.35 -24.00
CA THR B 7 -17.06 -18.28 -23.33
C THR B 7 -15.77 -18.80 -22.66
N LEU B 8 -14.98 -17.85 -22.15
CA LEU B 8 -13.68 -18.08 -21.53
C LEU B 8 -13.83 -19.12 -20.45
N THR B 9 -14.87 -18.95 -19.63
CA THR B 9 -15.03 -19.81 -18.48
C THR B 9 -15.69 -21.11 -18.80
N GLY B 10 -16.00 -21.37 -20.08
CA GLY B 10 -16.65 -22.62 -20.45
C GLY B 10 -18.18 -22.61 -20.50
N LYS B 11 -18.80 -21.44 -20.33
CA LYS B 11 -20.27 -21.37 -20.37
C LYS B 11 -20.70 -21.50 -21.82
N THR B 12 -21.89 -22.04 -22.06
CA THR B 12 -22.41 -22.09 -23.44
C THR B 12 -23.74 -21.35 -23.45
N ILE B 13 -23.89 -20.41 -24.39
CA ILE B 13 -25.12 -19.63 -24.53
C ILE B 13 -25.74 -20.12 -25.82
N THR B 14 -26.97 -20.63 -25.76
CA THR B 14 -27.61 -21.09 -26.99
C THR B 14 -28.55 -19.98 -27.53
N LEU B 15 -28.60 -19.78 -28.85
CA LEU B 15 -29.42 -18.67 -29.36
C LEU B 15 -30.23 -19.21 -30.47
N GLU B 16 -31.45 -18.68 -30.66
CA GLU B 16 -32.24 -19.06 -31.84
C GLU B 16 -32.04 -17.90 -32.83
N VAL B 17 -31.55 -18.20 -34.02
CA VAL B 17 -31.22 -17.14 -34.96
C VAL B 17 -31.64 -17.55 -36.37
N GLU B 18 -31.70 -16.56 -37.27
CA GLU B 18 -31.94 -16.79 -38.69
C GLU B 18 -30.64 -16.67 -39.44
N PRO B 19 -30.48 -17.44 -40.54
CA PRO B 19 -29.19 -17.36 -41.27
C PRO B 19 -28.91 -15.93 -41.75
N SER B 20 -29.96 -15.13 -41.91
CA SER B 20 -29.79 -13.76 -42.38
C SER B 20 -29.64 -12.76 -41.25
N ASP B 21 -29.52 -13.23 -40.01
CA ASP B 21 -29.29 -12.27 -38.92
C ASP B 21 -27.92 -11.59 -39.03
N THR B 22 -27.86 -10.31 -38.69
CA THR B 22 -26.57 -9.64 -38.56
C THR B 22 -25.87 -10.01 -37.26
N ILE B 23 -24.55 -9.91 -37.28
CA ILE B 23 -23.76 -9.99 -36.05
C ILE B 23 -24.31 -9.10 -34.92
N GLU B 24 -24.72 -7.88 -35.25
CA GLU B 24 -25.29 -6.95 -34.28
C GLU B 24 -26.56 -7.54 -33.66
N ASN B 25 -27.40 -8.17 -34.49
CA ASN B 25 -28.60 -8.86 -33.99
C ASN B 25 -28.18 -9.97 -33.04
N VAL B 26 -27.09 -10.66 -33.35
CA VAL B 26 -26.67 -11.75 -32.48
C VAL B 26 -26.23 -11.19 -31.12
N LYS B 27 -25.44 -10.12 -31.17
CA LYS B 27 -25.02 -9.46 -29.93
C LYS B 27 -26.20 -9.01 -29.08
N ALA B 28 -27.24 -8.49 -29.72
CA ALA B 28 -28.47 -8.12 -28.99
C ALA B 28 -29.15 -9.28 -28.25
N LYS B 29 -29.21 -10.44 -28.90
CA LYS B 29 -29.74 -11.66 -28.27
C LYS B 29 -28.93 -12.09 -27.06
N ILE B 30 -27.61 -11.95 -27.16
CA ILE B 30 -26.73 -12.26 -26.03
C ILE B 30 -26.96 -11.25 -24.89
N GLN B 31 -27.19 -9.99 -25.23
CA GLN B 31 -27.55 -9.07 -24.18
C GLN B 31 -28.88 -9.49 -23.52
N ASP B 32 -29.80 -10.01 -24.31
CA ASP B 32 -31.05 -10.48 -23.72
C ASP B 32 -30.83 -11.62 -22.71
N LYS B 33 -29.95 -12.56 -23.01
CA LYS B 33 -29.69 -13.69 -22.13
C LYS B 33 -28.75 -13.42 -20.96
N GLU B 34 -27.77 -12.54 -21.16
CA GLU B 34 -26.61 -12.52 -20.29
C GLU B 34 -26.41 -11.11 -19.75
N GLY B 35 -27.11 -10.17 -20.36
CA GLY B 35 -27.05 -8.80 -19.89
C GLY B 35 -25.80 -8.04 -20.25
N ILE B 36 -24.96 -8.57 -21.14
CA ILE B 36 -23.77 -7.84 -21.59
C ILE B 36 -24.13 -7.00 -22.80
N PRO B 37 -23.89 -5.69 -22.72
CA PRO B 37 -24.13 -4.78 -23.84
C PRO B 37 -23.30 -5.16 -25.05
N PRO B 38 -23.86 -5.01 -26.27
CA PRO B 38 -23.10 -5.40 -27.46
C PRO B 38 -21.71 -4.75 -27.55
N ASP B 39 -21.56 -3.49 -27.13
CA ASP B 39 -20.23 -2.89 -27.18
C ASP B 39 -19.13 -3.64 -26.37
N GLN B 40 -19.53 -4.44 -25.37
CA GLN B 40 -18.52 -5.19 -24.61
C GLN B 40 -18.24 -6.58 -25.19
N GLN B 41 -18.91 -6.90 -26.28
CA GLN B 41 -18.81 -8.25 -26.88
C GLN B 41 -17.98 -8.23 -28.17
N ARG B 42 -17.11 -9.23 -28.32
CA ARG B 42 -16.53 -9.57 -29.62
C ARG B 42 -16.86 -11.00 -29.90
N LEU B 43 -17.36 -11.26 -31.09
CA LEU B 43 -17.69 -12.60 -31.44
C LEU B 43 -16.65 -13.09 -32.44
N ILE B 44 -16.34 -14.38 -32.31
CA ILE B 44 -15.27 -15.03 -33.05
C ILE B 44 -15.85 -16.29 -33.74
N PHE B 45 -15.55 -16.48 -35.04
CA PHE B 45 -15.93 -17.74 -35.70
C PHE B 45 -14.71 -18.08 -36.52
N ALA B 46 -14.20 -19.28 -36.34
CA ALA B 46 -13.04 -19.73 -37.11
C ALA B 46 -11.91 -18.78 -37.04
N GLY B 47 -11.70 -18.21 -35.85
CA GLY B 47 -10.53 -17.35 -35.66
C GLY B 47 -10.73 -15.95 -36.20
N LYS B 48 -11.90 -15.63 -36.75
CA LYS B 48 -12.15 -14.28 -37.28
C LYS B 48 -13.04 -13.52 -36.31
N GLN B 49 -12.68 -12.28 -36.02
CA GLN B 49 -13.55 -11.37 -35.26
C GLN B 49 -14.67 -10.93 -36.17
N LEU B 50 -15.93 -11.10 -35.74
CA LEU B 50 -17.06 -10.90 -36.67
C LEU B 50 -17.57 -9.46 -36.65
N GLU B 51 -17.73 -8.84 -37.82
CA GLU B 51 -18.09 -7.41 -37.88
C GLU B 51 -19.59 -7.20 -37.82
N ASP B 52 -20.01 -6.18 -37.08
CA ASP B 52 -21.42 -5.93 -36.77
C ASP B 52 -22.38 -5.91 -37.97
N GLY B 53 -22.01 -5.27 -39.08
CA GLY B 53 -22.94 -5.13 -40.19
C GLY B 53 -23.10 -6.34 -41.09
N ARG B 54 -22.28 -7.37 -40.88
CA ARG B 54 -22.36 -8.56 -41.74
C ARG B 54 -23.35 -9.59 -41.15
N THR B 55 -23.73 -10.61 -41.92
CA THR B 55 -24.74 -11.57 -41.46
C THR B 55 -24.05 -12.86 -41.08
N LEU B 56 -24.75 -13.71 -40.33
CA LEU B 56 -24.18 -15.06 -40.12
C LEU B 56 -23.80 -15.77 -41.42
N SER B 57 -24.65 -15.70 -42.42
CA SER B 57 -24.36 -16.42 -43.64
CA SER B 57 -24.37 -16.42 -43.66
C SER B 57 -23.10 -15.92 -44.36
N ASP B 58 -22.81 -14.61 -44.24
CA ASP B 58 -21.57 -14.09 -44.84
C ASP B 58 -20.38 -14.87 -44.32
N TYR B 59 -20.44 -15.28 -43.03
CA TYR B 59 -19.32 -15.98 -42.40
C TYR B 59 -19.41 -17.47 -42.50
N ASN B 60 -20.39 -17.97 -43.27
CA ASN B 60 -20.57 -19.41 -43.38
C ASN B 60 -20.97 -20.03 -42.03
N ILE B 61 -21.68 -19.28 -41.19
CA ILE B 61 -22.15 -19.82 -39.92
C ILE B 61 -23.49 -20.54 -40.18
N GLN B 62 -23.58 -21.79 -39.72
CA GLN B 62 -24.71 -22.62 -40.11
C GLN B 62 -25.47 -23.12 -38.88
N LYS B 63 -26.51 -23.90 -39.15
CA LYS B 63 -27.27 -24.58 -38.11
C LYS B 63 -26.33 -25.32 -37.18
N GLU B 64 -26.45 -25.04 -35.89
CA GLU B 64 -25.64 -25.65 -34.84
C GLU B 64 -24.14 -25.30 -34.89
N SER B 65 -23.73 -24.27 -35.64
CA SER B 65 -22.34 -23.76 -35.48
C SER B 65 -22.06 -23.28 -34.09
N THR B 66 -20.79 -23.35 -33.72
CA THR B 66 -20.30 -22.84 -32.46
C THR B 66 -19.41 -21.63 -32.70
N LEU B 67 -19.66 -20.55 -31.94
CA LEU B 67 -18.83 -19.35 -31.98
C LEU B 67 -18.25 -19.18 -30.58
N HIS B 68 -17.29 -18.28 -30.46
CA HIS B 68 -16.86 -17.85 -29.10
C HIS B 68 -17.12 -16.39 -28.87
N LEU B 69 -17.24 -16.00 -27.60
CA LEU B 69 -17.49 -14.61 -27.24
C LEU B 69 -16.36 -14.25 -26.27
N VAL B 70 -15.64 -13.18 -26.61
CA VAL B 70 -14.57 -12.64 -25.69
C VAL B 70 -15.01 -11.24 -25.30
N LEU B 71 -14.57 -10.76 -24.14
CA LEU B 71 -15.13 -9.54 -23.59
C LEU B 71 -14.14 -8.40 -23.79
N ARG B 72 -14.68 -7.22 -24.04
CA ARG B 72 -13.91 -5.98 -24.12
C ARG B 72 -14.45 -5.03 -23.07
N LEU B 73 -13.82 -5.06 -21.89
CA LEU B 73 -14.36 -4.42 -20.72
C LEU B 73 -13.34 -3.39 -20.29
N ARG B 74 -13.81 -2.22 -19.90
CA ARG B 74 -12.91 -1.11 -19.55
C ARG B 74 -12.49 -1.21 -18.09
N GLY B 75 -11.20 -1.46 -17.85
CA GLY B 75 -10.73 -1.73 -16.49
C GLY B 75 -9.81 -0.66 -15.93
N PRO C 2 -7.16 3.42 -3.24
CA PRO C 2 -8.46 2.99 -3.77
C PRO C 2 -9.29 2.21 -2.73
N LEU C 3 -8.66 1.63 -1.70
CA LEU C 3 -9.42 0.97 -0.62
C LEU C 3 -10.31 1.97 0.11
N GLY C 4 -10.08 3.23 -0.27
CA GLY C 4 -11.17 4.13 -0.61
C GLY C 4 -12.07 4.60 0.48
N SER C 5 -13.39 4.75 0.28
CA SER C 5 -14.34 4.15 -0.69
C SER C 5 -15.05 3.22 0.24
N MSE C 6 -14.26 2.36 0.86
CA MSE C 6 -14.82 1.42 1.81
C MSE C 6 -14.51 1.81 3.24
O MSE C 6 -14.95 1.17 4.17
CB MSE C 6 -14.34 0.02 1.48
CG MSE C 6 -15.03 -0.50 0.18
SE MSE C 6 -14.13 -2.13 -0.42
CE MSE C 6 -12.29 -1.47 -0.75
N ALA C 7 -13.76 2.89 3.42
CA ALA C 7 -13.26 3.18 4.78
C ALA C 7 -14.37 3.75 5.64
N GLU C 8 -14.34 3.40 6.94
CA GLU C 8 -15.33 3.83 7.93
C GLU C 8 -15.07 5.25 8.36
N GLY C 9 -13.81 5.67 8.19
CA GLY C 9 -13.43 7.08 8.17
C GLY C 9 -13.87 7.90 9.36
N ASN C 10 -13.62 9.20 9.32
CA ASN C 10 -13.85 10.06 10.48
C ASN C 10 -12.98 9.67 11.63
N TRP C 11 -11.70 9.89 11.44
CA TRP C 11 -10.75 9.71 12.50
C TRP C 11 -10.27 11.12 12.91
N CYS C 12 -10.12 11.34 14.21
CA CYS C 12 -9.65 12.61 14.75
C CYS C 12 -8.11 12.62 14.77
N LEU C 13 -7.50 13.81 14.85
CA LEU C 13 -6.06 13.91 15.00
C LEU C 13 -5.81 13.69 16.48
N ILE C 14 -4.58 13.29 16.84
CA ILE C 14 -4.22 12.93 18.23
C ILE C 14 -2.95 13.68 18.63
N GLU C 15 -2.98 14.33 19.77
CA GLU C 15 -1.88 15.18 20.23
C GLU C 15 -0.70 14.29 20.74
N SER C 16 0.54 14.63 20.43
CA SER C 16 1.65 13.79 20.86
C SER C 16 1.87 14.02 22.36
N ASP C 17 1.05 13.38 23.20
CA ASP C 17 1.10 13.57 24.67
C ASP C 17 1.27 12.16 25.24
N PRO C 18 2.32 11.92 26.05
CA PRO C 18 2.51 10.57 26.62
C PRO C 18 1.34 10.08 27.49
N GLY C 19 0.60 10.99 28.10
CA GLY C 19 -0.51 10.54 28.92
C GLY C 19 -1.63 10.06 28.07
N ILE C 20 -1.86 10.72 26.93
CA ILE C 20 -2.88 10.22 25.99
C ILE C 20 -2.52 8.83 25.48
N PHE C 21 -1.27 8.60 25.10
CA PHE C 21 -0.90 7.30 24.53
C PHE C 21 -0.98 6.19 25.60
N THR C 22 -0.65 6.51 26.85
CA THR C 22 -0.78 5.53 27.91
C THR C 22 -2.25 5.19 28.04
N GLU C 23 -3.12 6.19 27.93
CA GLU C 23 -4.56 5.88 28.05
C GLU C 23 -5.05 5.12 26.85
N MSE C 24 -4.50 5.40 25.67
CA MSE C 24 -4.98 4.67 24.47
C MSE C 24 -4.64 3.21 24.57
O MSE C 24 -5.48 2.34 24.24
CB MSE C 24 -4.38 5.24 23.20
CG MSE C 24 -4.69 6.70 23.03
SE MSE C 24 -3.95 7.37 21.32
CE MSE C 24 -4.54 5.89 20.21
N ILE C 25 -3.42 2.93 24.98
CA ILE C 25 -3.04 1.52 25.14
C ILE C 25 -4.03 0.81 26.10
N HIS C 26 -4.34 1.47 27.21
CA HIS C 26 -5.23 0.90 28.22
C HIS C 26 -6.63 0.76 27.70
N GLY C 27 -7.05 1.73 26.89
CA GLY C 27 -8.34 1.67 26.23
C GLY C 27 -8.50 0.53 25.26
N PHE C 28 -7.42 0.18 24.54
CA PHE C 28 -7.44 -0.95 23.58
C PHE C 28 -7.53 -2.30 24.30
N GLY C 29 -7.36 -2.24 25.63
CA GLY C 29 -7.53 -3.41 26.46
C GLY C 29 -6.18 -3.95 26.84
N CYS C 30 -5.17 -3.22 26.41
CA CYS C 30 -3.82 -3.73 26.57
C CYS C 30 -3.26 -3.32 27.93
N THR C 31 -2.76 -4.27 28.69
CA THR C 31 -2.21 -3.91 30.00
C THR C 31 -0.72 -4.26 30.11
N GLY C 32 -0.06 -3.65 31.08
CA GLY C 32 1.34 -3.92 31.39
C GLY C 32 2.33 -2.86 30.94
N LEU C 33 1.84 -1.77 30.35
CA LEU C 33 2.70 -0.83 29.64
C LEU C 33 2.46 0.56 30.14
N GLN C 34 3.45 1.43 29.90
CA GLN C 34 3.23 2.85 30.09
C GLN C 34 4.09 3.62 29.10
N VAL C 35 3.80 4.90 28.95
CA VAL C 35 4.48 5.66 27.89
C VAL C 35 5.23 6.78 28.52
N GLU C 36 6.51 6.86 28.19
CA GLU C 36 7.40 7.86 28.82
C GLU C 36 7.98 8.72 27.69
N GLU C 37 7.84 10.03 27.83
CA GLU C 37 8.38 10.93 26.83
C GLU C 37 9.88 11.15 26.97
N LEU C 38 10.62 11.14 25.87
CA LEU C 38 12.04 11.51 25.85
C LEU C 38 12.24 12.99 25.61
N VAL C 39 13.11 13.65 26.38
CA VAL C 39 13.31 15.07 26.15
C VAL C 39 14.57 15.37 25.33
N VAL C 40 15.55 14.46 25.35
CA VAL C 40 16.76 14.59 24.54
C VAL C 40 17.11 13.18 23.97
N LEU C 41 17.94 13.13 22.93
CA LEU C 41 18.21 11.84 22.24
C LEU C 41 19.47 11.18 22.76
N ASP C 42 20.26 11.92 23.55
CA ASP C 42 21.41 11.32 24.21
C ASP C 42 21.06 11.02 25.71
N GLU C 43 19.76 11.05 26.02
CA GLU C 43 19.22 10.57 27.29
C GLU C 43 19.87 9.18 27.57
N SER C 44 20.49 8.93 28.72
CA SER C 44 20.70 7.52 29.08
C SER C 44 19.29 7.10 29.38
N ILE C 45 18.87 6.00 28.75
CA ILE C 45 17.55 5.45 28.98
C ILE C 45 17.65 4.01 29.59
N GLU C 46 18.82 3.67 30.16
CA GLU C 46 19.00 2.34 30.75
C GLU C 46 17.93 2.05 31.80
N HIS C 47 17.56 3.09 32.55
CA HIS C 47 16.56 2.94 33.60
C HIS C 47 15.16 2.70 33.05
N LEU C 48 14.93 2.94 31.76
CA LEU C 48 13.63 2.67 31.15
C LEU C 48 13.50 1.21 30.69
N LYS C 49 14.61 0.48 30.56
CA LYS C 49 14.54 -0.84 29.93
C LYS C 49 13.77 -1.89 30.73
N PRO C 50 13.12 -2.85 30.06
CA PRO C 50 13.03 -3.01 28.59
C PRO C 50 12.13 -1.96 27.93
N ILE C 51 12.59 -1.39 26.81
CA ILE C 51 11.74 -0.49 26.03
C ILE C 51 11.17 -1.35 24.94
N HIS C 52 9.86 -1.31 24.79
CA HIS C 52 9.17 -2.22 23.91
C HIS C 52 9.02 -1.60 22.56
N GLY C 53 9.03 -0.27 22.51
CA GLY C 53 8.95 0.36 21.20
C GLY C 53 9.10 1.84 21.38
N PHE C 54 9.27 2.56 20.27
CA PHE C 54 9.24 4.05 20.27
C PHE C 54 8.10 4.53 19.38
N ILE C 55 7.49 5.63 19.78
CA ILE C 55 6.53 6.32 18.90
C ILE C 55 7.18 7.64 18.57
N PHE C 56 7.31 7.95 17.30
CA PHE C 56 8.01 9.16 16.89
C PHE C 56 7.11 10.00 15.99
N LEU C 57 7.06 11.30 16.24
CA LEU C 57 6.25 12.20 15.43
C LEU C 57 7.10 13.27 14.78
N PHE C 58 6.85 13.53 13.50
CA PHE C 58 7.64 14.50 12.76
C PHE C 58 6.74 15.11 11.67
N ARG C 59 7.15 16.26 11.16
CA ARG C 59 6.45 16.86 10.02
C ARG C 59 6.83 16.15 8.72
N TRP C 60 5.87 15.48 8.10
CA TRP C 60 6.17 14.63 6.96
C TRP C 60 6.63 15.40 5.71
N LEU C 61 7.77 14.99 5.12
CA LEU C 61 8.34 15.66 3.96
C LEU C 61 8.20 14.75 2.77
N LYS C 62 7.97 15.33 1.58
CA LYS C 62 7.84 14.49 0.41
C LYS C 62 9.08 13.66 0.11
N LYS C 63 10.24 14.14 0.56
CA LYS C 63 11.44 13.36 0.28
C LYS C 63 11.45 12.02 0.99
N GLU C 64 10.54 11.83 1.97
CA GLU C 64 10.34 10.51 2.61
C GLU C 64 10.04 9.41 1.60
N MSE C 65 9.40 9.77 0.51
CA MSE C 65 9.11 8.70 -0.47
C MSE C 65 10.34 8.11 -1.12
O MSE C 65 10.26 7.03 -1.69
CB MSE C 65 8.26 9.19 -1.61
CG MSE C 65 7.42 10.32 -1.29
SE MSE C 65 5.60 9.84 -1.63
CE MSE C 65 5.53 8.62 -0.11
N ARG C 66 11.43 8.85 -1.10
CA ARG C 66 12.61 8.40 -1.84
C ARG C 66 13.53 7.60 -0.93
N LYS C 67 13.04 7.28 0.28
CA LYS C 67 13.86 6.55 1.27
C LYS C 67 14.16 5.20 0.65
N GLU C 68 15.43 4.84 0.56
CA GLU C 68 15.73 3.44 0.17
C GLU C 68 15.31 2.49 1.28
N VAL C 69 14.55 1.46 0.94
CA VAL C 69 14.17 0.46 1.94
C VAL C 69 14.88 -0.88 1.74
N ASP C 70 14.64 -1.82 2.65
CA ASP C 70 15.40 -3.05 2.60
C ASP C 70 14.74 -4.08 1.67
N ASP C 71 15.47 -5.13 1.29
CA ASP C 71 14.77 -6.28 0.67
C ASP C 71 15.07 -7.53 1.50
N SER C 72 15.13 -7.34 2.81
CA SER C 72 15.43 -8.47 3.71
C SER C 72 14.27 -9.46 3.75
N PRO C 73 14.61 -10.76 3.82
CA PRO C 73 13.58 -11.83 3.87
C PRO C 73 12.79 -11.79 5.19
N GLN C 74 13.44 -11.36 6.27
CA GLN C 74 12.76 -11.35 7.57
C GLN C 74 11.62 -10.36 7.69
N THR C 75 11.68 -9.29 6.90
CA THR C 75 10.63 -8.27 6.95
C THR C 75 9.30 -8.95 6.54
N CYS C 76 9.40 -9.88 5.58
CA CYS C 76 8.25 -10.66 5.13
C CYS C 76 7.78 -11.73 6.13
N THR C 77 8.73 -12.42 6.73
CA THR C 77 8.43 -13.62 7.50
C THR C 77 8.15 -13.30 8.96
N ASP C 78 8.67 -12.18 9.45
CA ASP C 78 8.67 -12.04 10.91
C ASP C 78 7.71 -10.97 11.45
N VAL C 79 7.37 -9.98 10.64
CA VAL C 79 6.81 -8.74 11.19
C VAL C 79 5.33 -8.55 10.84
N TYR C 80 4.52 -8.18 11.83
CA TYR C 80 3.12 -7.84 11.55
C TYR C 80 3.10 -6.40 11.08
N PHE C 81 2.35 -6.10 10.02
CA PHE C 81 2.28 -4.69 9.55
C PHE C 81 0.93 -4.38 8.97
N SER C 82 0.34 -3.26 9.40
CA SER C 82 -0.87 -2.78 8.70
C SER C 82 -0.60 -1.44 8.05
N GLN C 83 -1.00 -1.30 6.78
CA GLN C 83 -0.78 -0.07 6.03
C GLN C 83 -2.01 0.79 6.25
N GLN C 84 -1.84 2.10 6.42
CA GLN C 84 -2.98 3.01 6.50
C GLN C 84 -3.77 3.06 5.22
N VAL C 85 -5.06 3.16 5.39
CA VAL C 85 -5.93 3.39 4.25
C VAL C 85 -6.39 4.83 4.31
N ILE C 86 -6.38 5.39 5.50
CA ILE C 86 -6.76 6.77 5.61
C ILE C 86 -5.70 7.48 6.43
N GLN C 87 -5.64 8.78 6.26
CA GLN C 87 -4.57 9.57 6.82
C GLN C 87 -4.69 9.72 8.33
N ASN C 88 -5.85 10.17 8.82
CA ASN C 88 -5.95 10.53 10.25
C ASN C 88 -5.84 9.39 11.27
N ALA C 89 -5.79 8.14 10.79
CA ALA C 89 -5.69 7.02 11.74
C ALA C 89 -4.28 6.79 12.24
N CYS C 90 -3.32 7.59 11.78
CA CYS C 90 -1.91 7.26 12.03
C CYS C 90 -1.53 7.00 13.53
N ALA C 91 -2.10 7.72 14.51
CA ALA C 91 -1.67 7.47 15.88
C ALA C 91 -2.04 6.06 16.31
N SER C 92 -3.27 5.64 16.00
CA SER C 92 -3.70 4.31 16.41
C SER C 92 -3.06 3.26 15.54
N GLN C 93 -2.86 3.59 14.26
CA GLN C 93 -2.22 2.61 13.39
C GLN C 93 -0.78 2.35 13.85
N ALA C 94 -0.08 3.42 14.25
CA ALA C 94 1.31 3.29 14.71
C ALA C 94 1.32 2.46 15.99
N LEU C 95 0.39 2.77 16.90
CA LEU C 95 0.37 2.06 18.19
C LEU C 95 0.06 0.58 18.01
N ILE C 96 -0.91 0.30 17.17
CA ILE C 96 -1.30 -1.07 16.96
C ILE C 96 -0.23 -1.85 16.20
N ASN C 97 0.40 -1.23 15.20
CA ASN C 97 1.62 -1.82 14.58
C ASN C 97 2.70 -2.19 15.58
N LEU C 98 2.97 -1.30 16.55
CA LEU C 98 3.90 -1.60 17.65
C LEU C 98 3.39 -2.74 18.50
N LEU C 99 2.17 -2.61 19.03
CA LEU C 99 1.68 -3.60 19.99
C LEU C 99 1.51 -5.01 19.46
N LEU C 100 1.07 -5.15 18.21
CA LEU C 100 0.89 -6.51 17.70
C LEU C 100 2.20 -7.17 17.27
N ASN C 101 3.32 -6.48 17.46
CA ASN C 101 4.61 -7.11 17.26
C ASN C 101 5.26 -7.46 18.62
N CYS C 102 4.57 -7.18 19.73
CA CYS C 102 5.11 -7.54 21.06
C CYS C 102 4.98 -9.01 21.33
N ASP C 103 6.02 -9.59 21.90
CA ASP C 103 5.92 -10.95 22.43
C ASP C 103 6.72 -10.84 23.69
N HIS C 104 6.09 -10.36 24.76
CA HIS C 104 6.83 -10.13 26.00
C HIS C 104 5.94 -10.39 27.20
N PRO C 105 6.48 -11.11 28.20
CA PRO C 105 5.76 -11.48 29.43
C PRO C 105 5.00 -10.31 30.08
N ASP C 106 5.49 -9.08 29.94
CA ASP C 106 4.86 -7.95 30.61
C ASP C 106 3.65 -7.40 29.85
N VAL C 107 3.57 -7.72 28.56
CA VAL C 107 2.52 -7.18 27.70
C VAL C 107 1.39 -8.16 27.45
N ASP C 108 0.17 -7.78 27.84
CA ASP C 108 -0.97 -8.54 27.43
C ASP C 108 -1.84 -7.66 26.56
N LEU C 109 -2.14 -8.15 25.35
CA LEU C 109 -2.88 -7.38 24.34
C LEU C 109 -4.33 -7.04 24.67
N GLY C 110 -5.04 -7.88 25.42
CA GLY C 110 -6.46 -7.64 25.64
C GLY C 110 -7.28 -8.22 24.49
N PRO C 111 -8.62 -8.22 24.63
CA PRO C 111 -9.52 -8.94 23.72
C PRO C 111 -9.69 -8.24 22.41
N THR C 112 -9.71 -6.91 22.39
CA THR C 112 -10.00 -6.28 21.10
C THR C 112 -8.81 -6.52 20.17
N LEU C 113 -7.59 -6.36 20.71
CA LEU C 113 -6.35 -6.49 19.94
C LEU C 113 -5.94 -7.93 19.66
N LYS C 114 -6.16 -8.85 20.61
CA LYS C 114 -5.79 -10.24 20.29
C LYS C 114 -6.71 -10.79 19.19
N GLU C 115 -7.99 -10.48 19.29
CA GLU C 115 -8.92 -10.82 18.21
C GLU C 115 -8.52 -10.18 16.87
N PHE C 116 -8.20 -8.87 16.92
CA PHE C 116 -7.87 -8.13 15.71
C PHE C 116 -6.65 -8.79 15.05
N LYS C 117 -5.65 -9.14 15.87
CA LYS C 117 -4.44 -9.79 15.38
C LYS C 117 -4.80 -11.11 14.75
N ASP C 118 -5.53 -11.92 15.51
CA ASP C 118 -5.95 -13.24 15.00
C ASP C 118 -6.65 -13.19 13.68
N PHE C 119 -7.54 -12.23 13.50
CA PHE C 119 -8.33 -12.16 12.28
C PHE C 119 -7.51 -11.62 11.10
N THR C 120 -6.55 -10.72 11.37
CA THR C 120 -5.81 -10.06 10.27
C THR C 120 -4.41 -10.58 9.99
N TYR C 121 -3.99 -11.55 10.79
CA TYR C 121 -2.64 -12.05 10.75
C TYR C 121 -2.17 -12.61 9.36
N ASP C 122 -3.06 -13.29 8.63
CA ASP C 122 -2.69 -13.77 7.28
C ASP C 122 -3.23 -12.91 6.14
N LEU C 123 -3.71 -11.71 6.41
CA LEU C 123 -4.21 -10.85 5.33
C LEU C 123 -3.13 -9.97 4.77
N ASP C 124 -3.33 -9.39 3.57
CA ASP C 124 -2.34 -8.43 3.06
C ASP C 124 -2.35 -7.19 3.96
N SER C 125 -1.22 -6.46 4.05
CA SER C 125 -1.13 -5.29 4.93
C SER C 125 -2.17 -4.22 4.59
N ALA C 126 -2.57 -4.08 3.32
CA ALA C 126 -3.55 -3.05 2.99
C ALA C 126 -4.93 -3.47 3.52
N SER C 127 -5.21 -4.76 3.41
CA SER C 127 -6.41 -5.33 4.05
C SER C 127 -6.47 -5.18 5.54
N ARG C 128 -5.35 -5.50 6.18
CA ARG C 128 -5.30 -5.30 7.65
C ARG C 128 -5.64 -3.83 8.02
N GLY C 129 -5.07 -2.90 7.26
CA GLY C 129 -5.32 -1.48 7.46
C GLY C 129 -6.77 -1.10 7.28
N LEU C 130 -7.46 -1.68 6.30
CA LEU C 130 -8.88 -1.39 6.13
C LEU C 130 -9.68 -1.96 7.30
N CYS C 131 -9.26 -3.12 7.80
CA CYS C 131 -9.94 -3.68 8.96
C CYS C 131 -9.78 -2.78 10.18
N LEU C 132 -8.58 -2.22 10.35
CA LEU C 132 -8.34 -1.33 11.50
C LEU C 132 -9.24 -0.12 11.35
N THR C 133 -9.34 0.38 10.13
CA THR C 133 -10.10 1.61 9.84
C THR C 133 -11.56 1.45 10.18
N ASN C 134 -12.06 0.25 9.91
CA ASN C 134 -13.45 -0.09 10.17
C ASN C 134 -13.80 -0.73 11.52
N SER C 135 -12.81 -0.80 12.41
CA SER C 135 -13.05 -1.30 13.76
C SER C 135 -13.77 -0.24 14.59
N GLU C 136 -14.99 -0.55 15.02
CA GLU C 136 -15.73 0.36 15.89
C GLU C 136 -15.02 0.61 17.21
N LYS C 137 -14.48 -0.45 17.82
CA LYS C 137 -13.88 -0.32 19.15
C LYS C 137 -12.62 0.52 19.05
N ILE C 138 -11.76 0.18 18.10
CA ILE C 138 -10.55 0.96 17.91
C ILE C 138 -10.84 2.43 17.59
N ARG C 139 -11.71 2.72 16.62
CA ARG C 139 -11.98 4.12 16.30
C ARG C 139 -12.59 4.90 17.49
N ALA C 140 -13.46 4.23 18.26
CA ALA C 140 -14.05 4.83 19.45
C ALA C 140 -12.98 5.18 20.45
N VAL C 141 -12.06 4.24 20.74
CA VAL C 141 -10.99 4.57 21.68
C VAL C 141 -10.17 5.75 21.13
N HIS C 142 -9.80 5.68 19.86
CA HIS C 142 -8.97 6.71 19.22
C HIS C 142 -9.70 8.01 19.35
N ASN C 143 -10.93 8.06 18.82
CA ASN C 143 -11.68 9.32 18.81
C ASN C 143 -11.92 9.94 20.18
N SER C 144 -11.95 9.10 21.21
CA SER C 144 -12.21 9.57 22.57
C SER C 144 -11.09 10.46 23.09
N PHE C 145 -9.95 10.46 22.41
CA PHE C 145 -8.82 11.33 22.80
C PHE C 145 -8.54 12.47 21.82
N GLY C 146 -9.35 12.61 20.77
CA GLY C 146 -9.36 13.87 20.02
C GLY C 146 -9.82 15.00 20.97
N LYS C 158 -3.05 17.97 1.62
CA LYS C 158 -2.42 18.34 2.87
C LYS C 158 -1.04 17.68 3.00
N LEU C 159 -0.90 16.40 2.67
CA LEU C 159 0.43 15.82 2.70
C LEU C 159 1.34 16.58 1.77
N ASP C 160 0.76 16.94 0.62
CA ASP C 160 1.45 17.59 -0.48
C ASP C 160 2.08 18.91 -0.02
N GLU C 161 1.45 19.52 0.98
CA GLU C 161 1.91 20.80 1.51
C GLU C 161 3.02 20.67 2.57
N GLU C 162 3.32 19.43 2.97
CA GLU C 162 4.39 19.19 3.97
C GLU C 162 4.09 19.92 5.29
N ASP C 163 2.81 19.96 5.63
CA ASP C 163 2.40 20.57 6.93
C ASP C 163 1.65 19.58 7.84
N VAL C 164 1.76 18.28 7.57
CA VAL C 164 1.10 17.24 8.36
C VAL C 164 2.09 16.58 9.31
N PHE C 165 1.69 16.40 10.58
CA PHE C 165 2.51 15.67 11.54
C PHE C 165 2.04 14.20 11.57
N HIS C 166 3.03 13.34 11.43
CA HIS C 166 2.86 11.90 11.23
C HIS C 166 3.46 11.13 12.43
N PHE C 167 2.76 10.07 12.86
CA PHE C 167 3.24 9.15 13.90
C PHE C 167 3.74 7.86 13.23
N VAL C 168 4.95 7.45 13.62
CA VAL C 168 5.45 6.14 13.22
C VAL C 168 6.00 5.47 14.47
N THR C 169 6.21 4.18 14.31
CA THR C 169 6.64 3.23 15.35
C THR C 169 8.01 2.58 15.03
N TYR C 170 8.84 2.39 16.07
CA TYR C 170 10.08 1.58 16.01
C TYR C 170 9.90 0.41 16.95
N VAL C 171 10.21 -0.79 16.48
CA VAL C 171 10.04 -1.98 17.31
C VAL C 171 11.05 -3.05 16.91
N PRO C 172 11.64 -3.75 17.88
CA PRO C 172 12.46 -4.89 17.45
C PRO C 172 11.63 -6.14 17.32
N VAL C 173 11.93 -6.93 16.30
CA VAL C 173 11.30 -8.21 16.18
C VAL C 173 12.41 -9.20 15.89
N ASN C 174 12.50 -10.27 16.69
CA ASN C 174 13.69 -11.11 16.67
C ASN C 174 14.97 -10.29 16.80
N ASP C 175 15.83 -10.41 15.80
CA ASP C 175 17.09 -9.69 15.91
C ASP C 175 17.09 -8.45 15.01
N GLY C 176 15.93 -8.13 14.42
CA GLY C 176 15.85 -6.97 13.54
C GLY C 176 15.15 -5.78 14.22
N VAL C 177 15.54 -4.58 13.83
CA VAL C 177 14.89 -3.34 14.26
C VAL C 177 14.11 -2.74 13.12
N TYR C 178 12.81 -2.53 13.33
CA TYR C 178 11.97 -2.09 12.21
C TYR C 178 11.34 -0.73 12.40
N GLU C 179 11.27 0.06 11.34
CA GLU C 179 10.47 1.27 11.39
C GLU C 179 9.15 0.95 10.74
N LEU C 180 8.05 1.12 11.47
CA LEU C 180 6.71 0.81 10.92
C LEU C 180 6.02 2.12 10.61
N ASP C 181 6.03 2.52 9.36
CA ASP C 181 5.45 3.80 8.93
C ASP C 181 4.23 3.40 8.11
N GLY C 182 3.03 3.80 8.55
CA GLY C 182 1.76 3.34 8.00
C GLY C 182 1.53 3.80 6.58
N LEU C 183 2.26 4.80 6.12
CA LEU C 183 2.12 5.20 4.71
C LEU C 183 2.68 4.12 3.77
N ARG C 184 3.73 3.41 4.20
CA ARG C 184 4.45 2.47 3.34
C ARG C 184 3.65 1.20 3.17
N ALA C 185 3.99 0.44 2.13
CA ALA C 185 3.45 -0.88 1.96
C ALA C 185 4.04 -2.00 2.84
N ALA C 186 5.22 -1.78 3.44
CA ALA C 186 5.90 -2.83 4.17
C ALA C 186 6.71 -2.16 5.29
N PRO C 187 7.07 -2.92 6.28
CA PRO C 187 7.96 -2.32 7.29
C PRO C 187 9.32 -2.00 6.66
N LEU C 188 10.13 -1.23 7.39
CA LEU C 188 11.48 -0.91 6.92
C LEU C 188 12.44 -1.52 7.95
N ARG C 189 13.20 -2.54 7.55
CA ARG C 189 14.22 -3.12 8.45
C ARG C 189 15.44 -2.20 8.47
N LEU C 190 15.69 -1.56 9.63
CA LEU C 190 16.75 -0.58 9.70
C LEU C 190 18.08 -1.29 9.89
N GLY C 191 18.07 -2.46 10.49
CA GLY C 191 19.32 -3.12 10.80
C GLY C 191 19.12 -4.18 11.86
N THR C 192 20.23 -4.76 12.30
CA THR C 192 20.23 -5.84 13.29
C THR C 192 20.48 -5.20 14.65
N VAL C 193 20.00 -5.81 15.75
CA VAL C 193 20.34 -5.30 17.07
C VAL C 193 21.84 -5.29 17.25
N ALA C 194 22.32 -4.48 18.24
CA ALA C 194 23.74 -4.35 18.58
C ALA C 194 24.29 -5.67 19.15
N SER C 195 25.59 -5.85 19.20
CA SER C 195 26.06 -7.17 19.58
C SER C 195 25.79 -7.41 21.07
N ASP C 196 25.56 -6.33 21.83
CA ASP C 196 25.16 -6.55 23.23
C ASP C 196 23.64 -6.81 23.38
N GLY C 197 22.91 -6.88 22.27
CA GLY C 197 21.49 -7.11 22.36
C GLY C 197 20.63 -5.85 22.41
N ASP C 198 21.21 -4.66 22.65
CA ASP C 198 20.41 -3.42 22.63
C ASP C 198 19.77 -3.12 21.26
N TRP C 199 18.46 -2.83 21.21
CA TRP C 199 17.86 -2.53 19.92
C TRP C 199 17.73 -1.03 19.78
N THR C 200 17.82 -0.31 20.91
CA THR C 200 17.39 1.06 20.89
C THR C 200 18.30 1.98 20.12
N GLU C 201 19.61 1.76 20.14
CA GLU C 201 20.50 2.66 19.44
CA GLU C 201 20.53 2.64 19.42
C GLU C 201 20.24 2.61 17.92
N VAL C 202 19.81 1.47 17.40
CA VAL C 202 19.53 1.37 15.97
C VAL C 202 18.37 2.29 15.59
N ALA C 203 17.33 2.30 16.43
CA ALA C 203 16.18 3.17 16.20
C ALA C 203 16.53 4.66 16.39
N ILE C 204 17.24 4.98 17.47
CA ILE C 204 17.64 6.36 17.70
C ILE C 204 18.47 6.89 16.56
N LYS C 205 19.37 6.06 16.04
CA LYS C 205 20.18 6.46 14.89
C LYS C 205 19.29 6.82 13.68
N ALA C 206 18.30 5.97 13.41
CA ALA C 206 17.36 6.24 12.30
C ALA C 206 16.57 7.53 12.57
N ILE C 207 16.22 7.75 13.81
CA ILE C 207 15.49 8.96 14.19
C ILE C 207 16.36 10.21 13.96
N LYS C 208 17.62 10.14 14.39
CA LYS C 208 18.56 11.28 14.23
C LYS C 208 18.79 11.55 12.77
N GLU C 209 18.87 10.49 11.97
CA GLU C 209 19.00 10.64 10.51
C GLU C 209 17.83 11.36 9.90
N LYS C 210 16.62 11.04 10.35
CA LYS C 210 15.45 11.78 9.84
C LYS C 210 15.53 13.26 10.17
N ILE C 211 15.93 13.55 11.41
CA ILE C 211 16.00 14.95 11.85
C ILE C 211 17.02 15.75 11.02
N LYS C 212 18.12 15.10 10.64
CA LYS C 212 19.14 15.79 9.83
C LYS C 212 18.71 16.10 8.40
N ASN C 213 17.65 15.49 7.92
CA ASN C 213 17.06 15.86 6.64
C ASN C 213 16.42 17.25 6.58
N TYR C 214 16.16 17.88 7.73
CA TYR C 214 15.46 19.16 7.73
C TYR C 214 16.36 20.39 7.92
N GLY C 215 17.33 20.30 8.84
CA GLY C 215 18.05 21.49 9.26
C GLY C 215 17.65 21.98 10.65
N GLU C 216 18.40 22.95 11.17
CA GLU C 216 18.26 23.41 12.56
C GLU C 216 16.95 24.14 12.85
N SER C 217 16.42 24.77 11.80
CA SER C 217 15.21 25.59 11.87
C SER C 217 14.00 24.76 12.32
N GLU C 218 13.99 23.47 12.01
CA GLU C 218 12.84 22.64 12.39
C GLU C 218 13.05 21.95 13.71
N VAL C 219 12.24 22.27 14.71
CA VAL C 219 12.31 21.55 15.99
C VAL C 219 11.01 20.84 16.36
N ARG C 220 10.04 20.76 15.44
CA ARG C 220 8.75 20.19 15.84
C ARG C 220 8.77 18.69 15.68
N PHE C 221 9.32 18.02 16.69
CA PHE C 221 9.35 16.56 16.75
C PHE C 221 8.93 16.12 18.16
N ASN C 222 8.48 14.88 18.30
CA ASN C 222 8.20 14.29 19.60
C ASN C 222 8.61 12.84 19.63
N LEU C 223 9.23 12.37 20.74
CA LEU C 223 9.65 10.98 20.83
C LEU C 223 9.16 10.42 22.14
N MSE C 224 8.48 9.27 22.09
CA MSE C 224 7.99 8.61 23.30
C MSE C 224 8.41 7.16 23.31
O MSE C 224 8.47 6.50 22.27
CB MSE C 224 6.45 8.67 23.34
CG MSE C 224 5.93 10.09 23.56
SE MSE C 224 3.98 10.19 23.29
CE MSE C 224 3.91 9.83 21.37
N ALA C 225 8.70 6.64 24.51
CA ALA C 225 9.07 5.25 24.65
C ALA C 225 7.94 4.48 25.31
N VAL C 226 7.59 3.31 24.76
CA VAL C 226 6.57 2.47 25.39
C VAL C 226 7.33 1.47 26.23
N ILE C 227 7.12 1.50 27.54
CA ILE C 227 7.92 0.68 28.43
C ILE C 227 6.97 -0.08 29.36
N SER C 228 7.56 -0.94 30.18
CA SER C 228 6.80 -1.65 31.19
C SER C 228 6.27 -0.74 32.30
N ASP C 229 5.11 -1.13 32.84
CA ASP C 229 4.44 -0.46 33.97
C ASP C 229 5.33 -0.27 35.17
N MSE D 1 17.85 38.41 33.05
CA MSE D 1 18.61 37.18 33.34
C MSE D 1 18.43 36.20 32.18
O MSE D 1 17.44 36.27 31.46
CB MSE D 1 18.19 36.56 34.66
CG MSE D 1 17.04 35.67 34.63
SE MSE D 1 16.85 34.92 36.28
CE MSE D 1 15.74 33.55 36.07
N GLN D 2 19.40 35.32 31.95
CA GLN D 2 19.22 34.38 30.79
C GLN D 2 19.00 33.00 31.29
N ILE D 3 18.14 32.24 30.59
CA ILE D 3 17.98 30.81 30.84
C ILE D 3 18.18 30.10 29.51
N PHE D 4 18.36 28.78 29.57
CA PHE D 4 18.49 27.99 28.34
C PHE D 4 17.25 27.14 28.14
N VAL D 5 16.79 27.03 26.90
CA VAL D 5 15.70 26.09 26.60
C VAL D 5 16.24 25.13 25.53
N LYS D 6 16.28 23.86 25.87
CA LYS D 6 16.80 22.82 24.97
C LYS D 6 15.64 22.06 24.35
N THR D 7 15.92 21.55 23.17
CA THR D 7 14.94 20.76 22.40
C THR D 7 15.41 19.35 22.20
N LEU D 8 14.46 18.47 21.90
CA LEU D 8 14.81 17.09 21.50
C LEU D 8 15.84 17.07 20.37
N THR D 9 15.77 18.01 19.42
CA THR D 9 16.68 18.01 18.28
C THR D 9 18.07 18.48 18.65
N GLY D 10 18.27 18.92 19.89
CA GLY D 10 19.60 19.28 20.35
C GLY D 10 19.98 20.76 20.26
N LYS D 11 19.01 21.61 19.92
CA LYS D 11 19.19 23.08 19.89
C LYS D 11 19.16 23.62 21.32
N THR D 12 19.90 24.70 21.60
CA THR D 12 19.81 25.31 22.91
C THR D 12 19.46 26.73 22.59
N ILE D 13 18.30 27.18 23.06
CA ILE D 13 17.86 28.56 22.81
C ILE D 13 18.12 29.37 24.05
N THR D 14 18.75 30.55 23.95
CA THR D 14 18.91 31.36 25.16
C THR D 14 17.80 32.41 25.17
N LEU D 15 17.12 32.57 26.30
CA LEU D 15 16.06 33.58 26.39
C LEU D 15 16.46 34.56 27.46
N GLU D 16 16.11 35.81 27.25
CA GLU D 16 16.27 36.82 28.31
C GLU D 16 14.90 36.92 29.05
N VAL D 17 14.91 36.73 30.35
CA VAL D 17 13.69 36.57 31.14
C VAL D 17 13.88 37.36 32.41
N GLU D 18 12.77 37.59 33.11
CA GLU D 18 12.89 38.06 34.54
C GLU D 18 12.54 36.92 35.47
N PRO D 19 13.04 36.97 36.70
CA PRO D 19 12.82 35.85 37.60
C PRO D 19 11.34 35.68 37.95
N SER D 20 10.51 36.71 37.81
CA SER D 20 9.09 36.52 38.11
C SER D 20 8.22 36.49 36.82
N ASP D 21 8.89 36.31 35.70
CA ASP D 21 8.08 36.02 34.48
C ASP D 21 7.41 34.68 34.69
N THR D 22 6.29 34.45 34.00
CA THR D 22 5.63 33.17 34.17
C THR D 22 5.97 32.21 33.04
N ILE D 23 5.60 30.95 33.23
CA ILE D 23 5.81 29.95 32.21
C ILE D 23 5.03 30.35 30.95
N GLU D 24 3.87 30.95 31.12
CA GLU D 24 3.12 31.55 29.98
C GLU D 24 4.01 32.52 29.21
N ASN D 25 4.63 33.43 29.91
CA ASN D 25 5.52 34.42 29.30
C ASN D 25 6.68 33.74 28.57
N VAL D 26 7.25 32.68 29.13
CA VAL D 26 8.41 32.06 28.51
C VAL D 26 7.94 31.40 27.19
N LYS D 27 6.77 30.76 27.24
CA LYS D 27 6.28 30.15 25.98
C LYS D 27 6.05 31.20 24.94
N ALA D 28 5.56 32.34 25.34
CA ALA D 28 5.39 33.43 24.37
C ALA D 28 6.73 33.88 23.72
N LYS D 29 7.82 33.95 24.51
CA LYS D 29 9.17 34.16 23.98
C LYS D 29 9.64 33.11 22.98
N ILE D 30 9.34 31.84 23.28
CA ILE D 30 9.63 30.76 22.36
C ILE D 30 8.84 30.92 21.06
N GLN D 31 7.60 31.39 21.16
CA GLN D 31 6.79 31.61 19.95
C GLN D 31 7.40 32.76 19.14
N ASP D 32 7.88 33.79 19.82
CA ASP D 32 8.49 34.93 19.11
C ASP D 32 9.72 34.46 18.30
N LYS D 33 10.47 33.54 18.92
CA LYS D 33 11.76 33.11 18.45
C LYS D 33 11.64 31.94 17.46
N GLU D 34 10.79 30.94 17.74
CA GLU D 34 10.74 29.73 16.93
C GLU D 34 9.43 29.56 16.15
N GLY D 35 8.46 30.41 16.41
CA GLY D 35 7.22 30.35 15.63
C GLY D 35 6.22 29.33 16.16
N ILE D 36 6.58 28.63 17.23
CA ILE D 36 5.71 27.58 17.75
C ILE D 36 4.63 28.18 18.67
N PRO D 37 3.35 27.92 18.38
CA PRO D 37 2.23 28.40 19.22
C PRO D 37 2.38 27.85 20.66
N PRO D 38 2.11 28.69 21.68
CA PRO D 38 2.26 28.28 23.08
C PRO D 38 1.48 27.00 23.40
N ASP D 39 0.31 26.79 22.76
CA ASP D 39 -0.44 25.55 23.04
C ASP D 39 0.29 24.28 22.61
N GLN D 40 1.22 24.36 21.65
CA GLN D 40 2.02 23.21 21.27
C GLN D 40 3.25 22.95 22.12
N GLN D 41 3.47 23.83 23.12
CA GLN D 41 4.68 23.74 23.92
C GLN D 41 4.41 23.24 25.32
N ARG D 42 5.29 22.39 25.85
CA ARG D 42 5.37 22.15 27.31
C ARG D 42 6.81 22.30 27.74
N LEU D 43 7.02 22.80 28.96
CA LEU D 43 8.33 23.10 29.45
C LEU D 43 8.54 22.21 30.67
N ILE D 44 9.76 21.67 30.76
CA ILE D 44 10.13 20.75 31.83
C ILE D 44 11.39 21.28 32.54
N PHE D 45 11.37 21.31 33.87
CA PHE D 45 12.59 21.70 34.55
C PHE D 45 12.86 20.63 35.59
N ALA D 46 14.08 20.05 35.53
CA ALA D 46 14.51 19.02 36.48
C ALA D 46 13.49 17.91 36.60
N GLY D 47 12.93 17.49 35.46
CA GLY D 47 11.98 16.38 35.41
C GLY D 47 10.55 16.75 35.72
N LYS D 48 10.30 18.01 36.05
CA LYS D 48 8.96 18.46 36.42
C LYS D 48 8.31 19.25 35.28
N GLN D 49 7.09 18.86 34.83
CA GLN D 49 6.36 19.64 33.82
C GLN D 49 5.83 20.92 34.46
N LEU D 50 6.15 22.07 33.87
CA LEU D 50 5.91 23.38 34.49
C LEU D 50 4.55 23.94 34.11
N GLU D 51 3.84 24.55 35.05
CA GLU D 51 2.50 25.03 34.73
C GLU D 51 2.51 26.50 34.33
N ASP D 52 1.62 26.89 33.41
CA ASP D 52 1.60 28.29 32.86
C ASP D 52 1.52 29.48 33.81
N GLY D 53 0.74 29.35 34.88
CA GLY D 53 0.58 30.47 35.77
C GLY D 53 1.59 30.57 36.89
N ARG D 54 2.62 29.75 36.91
CA ARG D 54 3.63 29.88 37.96
C ARG D 54 4.84 30.57 37.38
N THR D 55 5.67 31.10 38.26
CA THR D 55 6.81 31.84 37.76
C THR D 55 8.04 30.96 37.76
N LEU D 56 9.08 31.40 37.05
CA LEU D 56 10.40 30.78 37.07
C LEU D 56 10.89 30.61 38.54
N SER D 57 10.76 31.66 39.32
CA SER D 57 11.20 31.64 40.74
C SER D 57 10.41 30.61 41.56
N ASP D 58 9.14 30.38 41.21
CA ASP D 58 8.30 29.41 41.93
C ASP D 58 8.93 28.04 41.76
N TYR D 59 9.64 27.84 40.65
CA TYR D 59 10.27 26.53 40.40
C TYR D 59 11.75 26.54 40.74
N ASN D 60 12.19 27.61 41.40
CA ASN D 60 13.60 27.81 41.73
C ASN D 60 14.55 27.78 40.56
N ILE D 61 14.04 28.24 39.41
CA ILE D 61 14.88 28.42 38.26
C ILE D 61 15.72 29.69 38.39
N GLN D 62 16.98 29.66 37.98
CA GLN D 62 17.89 30.78 38.11
C GLN D 62 18.57 31.02 36.82
N LYS D 63 19.42 32.01 36.83
CA LYS D 63 20.25 32.33 35.68
C LYS D 63 21.00 31.05 35.26
N GLU D 64 21.00 30.80 33.94
CA GLU D 64 21.64 29.67 33.35
C GLU D 64 21.07 28.28 33.70
N SER D 65 19.85 28.23 34.24
CA SER D 65 19.15 26.96 34.40
C SER D 65 18.76 26.49 33.05
N THR D 66 18.63 25.17 32.90
CA THR D 66 18.21 24.60 31.60
C THR D 66 16.81 24.04 31.70
N LEU D 67 15.93 24.45 30.77
CA LEU D 67 14.56 23.92 30.75
C LEU D 67 14.51 23.13 29.46
N HIS D 68 13.70 22.09 29.43
CA HIS D 68 13.54 21.31 28.20
C HIS D 68 12.20 21.64 27.58
N LEU D 69 12.20 22.00 26.29
CA LEU D 69 10.94 22.17 25.55
C LEU D 69 10.54 20.86 24.86
N VAL D 70 9.33 20.35 25.15
CA VAL D 70 8.80 19.26 24.31
C VAL D 70 7.56 19.73 23.60
N LEU D 71 7.20 19.03 22.52
CA LEU D 71 6.10 19.43 21.64
C LEU D 71 4.81 18.59 21.83
N ARG D 72 3.67 19.29 21.80
CA ARG D 72 2.35 18.66 21.77
C ARG D 72 1.72 18.99 20.44
N LEU D 73 1.88 18.09 19.47
CA LEU D 73 1.48 18.34 18.09
C LEU D 73 0.39 17.36 17.73
N ARG D 74 -0.58 17.80 16.94
CA ARG D 74 -1.68 16.89 16.56
C ARG D 74 -1.35 16.13 15.29
N GLY D 75 -1.22 14.80 15.43
CA GLY D 75 -0.78 13.99 14.30
C GLY D 75 -1.80 13.00 13.79
S1 DTT E . 8.86 9.38 -7.44
C1 DTT E . 7.67 10.46 -6.67
C2 DTT E . 7.62 11.85 -7.26
O2 DTT E . 8.69 12.60 -6.77
C3 DTT E . 6.32 12.58 -7.00
O3 DTT E . 5.30 11.69 -6.94
C4 DTT E . 6.33 13.31 -5.69
S4 DTT E . 5.07 14.52 -5.34
NA NA F . 16.29 -9.09 -21.91
N GVE G . -9.94 -0.57 -14.59
C1 GVE G . -9.15 0.46 -13.90
CB GVE G . -8.45 -0.14 -12.74
CG GVE G . -9.40 -0.76 -11.74
C GVE G . -8.98 -1.15 -10.37
OXT GVE G . -9.78 -2.03 -9.66
O GVE G . -7.92 -0.75 -9.86
CH3 GVE G . -9.36 -2.46 -8.38
N GVE H . -1.76 12.99 12.47
C1 GVE H . -2.63 12.09 11.73
CB GVE H . -1.81 11.07 10.95
CG GVE H . -0.92 11.72 9.94
C GVE H . -0.43 10.98 8.73
OXT GVE H . 0.67 11.49 8.09
O GVE H . -0.73 9.79 8.52
CH3 GVE H . 1.23 10.79 6.99
#